data_2QPX
#
_entry.id   2QPX
#
_cell.length_a   142.170
_cell.length_b   142.170
_cell.length_c   142.170
_cell.angle_alpha   90.000
_cell.angle_beta   90.000
_cell.angle_gamma   90.000
#
_symmetry.space_group_name_H-M   'I 2 3'
#
loop_
_entity.id
_entity.type
_entity.pdbx_description
1 polymer 'Predicted metal-dependent hydrolase of the TIM-barrel fold'
2 non-polymer 'ZINC ION'
3 non-polymer 1,2-ETHANEDIOL
4 water water
#
_entity_poly.entity_id   1
_entity_poly.type   'polypeptide(L)'
_entity_poly.pdbx_seq_one_letter_code
;G(MSE)DDLSEFVDQVPLLDHHCHFLIDGKVPNRDDRLAQVSTEADKDYPLADTKNRLAYHGFLALAKEFALDANNPLAA
(MSE)NDPGYATYNHRIFGHFHFKELLIDTGFVPDDPILDLDQTAELVGIPVKAIYRLETHAEDF(MSE)LEHDNFAAWW
QAFSNDVKQAKAHGFVGF(KCX)SIAAYRVGLHLEPVNVIEAAAGFDTWKHSGEKRLTSKPLIDY(MSE)LYHVAPFIIA
QD(MSE)PLQFHVGYGDADTD(MSE)YLGNPLL(MSE)RDYLKAFTKKGLKVVLLHCYPYHREAGYLASVFPNLYFDISL
LDNLGPSGASRVFNEAVELAPYTRILFASDASTYPE(MSE)YGLAARQFKQALVAHFNQLPFVDLAQKKAWINAICWQTS
AKLYHQERELRV
;
_entity_poly.pdbx_strand_id   A
#
# COMPACT_ATOMS: atom_id res chain seq x y z
N GLY A 1 -0.92 -3.02 -32.79
CA GLY A 1 -1.64 -1.83 -33.32
C GLY A 1 -2.52 -1.15 -32.28
N ASP A 3 -5.79 -1.04 -30.16
CA ASP A 3 -6.75 -1.98 -29.64
C ASP A 3 -7.78 -1.23 -28.85
N ASP A 4 -8.81 -1.94 -28.41
CA ASP A 4 -9.76 -1.39 -27.45
C ASP A 4 -9.92 -2.35 -26.32
N LEU A 5 -9.19 -2.06 -25.27
CA LEU A 5 -9.10 -2.94 -24.13
C LEU A 5 -10.10 -2.67 -23.02
N SER A 6 -11.01 -1.72 -23.20
CA SER A 6 -11.95 -1.33 -22.14
CA SER A 6 -11.95 -1.34 -22.14
C SER A 6 -12.71 -2.53 -21.57
N GLU A 7 -13.31 -3.32 -22.45
CA GLU A 7 -14.13 -4.44 -21.97
C GLU A 7 -13.29 -5.50 -21.24
N PHE A 8 -12.10 -5.77 -21.78
CA PHE A 8 -11.16 -6.67 -21.14
C PHE A 8 -10.77 -6.19 -19.73
N VAL A 9 -10.38 -4.92 -19.64
CA VAL A 9 -9.94 -4.36 -18.36
C VAL A 9 -11.11 -4.31 -17.35
N ASP A 10 -12.33 -4.09 -17.83
CA ASP A 10 -13.47 -4.14 -16.94
C ASP A 10 -13.55 -5.46 -16.15
N GLN A 11 -13.24 -6.56 -16.80
CA GLN A 11 -13.37 -7.86 -16.18
CA GLN A 11 -13.35 -7.89 -16.23
C GLN A 11 -12.11 -8.38 -15.47
N VAL A 12 -10.98 -7.66 -15.56
CA VAL A 12 -9.74 -8.13 -14.97
CA VAL A 12 -9.76 -8.17 -14.95
C VAL A 12 -9.81 -8.08 -13.42
N PRO A 13 -9.49 -9.17 -12.75
CA PRO A 13 -9.48 -9.13 -11.28
C PRO A 13 -8.31 -8.30 -10.72
N LEU A 14 -8.49 -7.84 -9.49
CA LEU A 14 -7.46 -7.03 -8.78
C LEU A 14 -7.05 -7.72 -7.52
N LEU A 15 -5.75 -7.86 -7.32
CA LEU A 15 -5.20 -8.29 -6.03
C LEU A 15 -4.60 -7.02 -5.46
N ASP A 16 -5.24 -6.49 -4.42
CA ASP A 16 -4.80 -5.22 -3.83
C ASP A 16 -3.71 -5.57 -2.81
N HIS A 17 -2.45 -5.44 -3.25
CA HIS A 17 -1.34 -5.99 -2.46
C HIS A 17 -0.93 -5.12 -1.27
N HIS A 18 -1.43 -3.88 -1.21
CA HIS A 18 -1.17 -3.02 -0.09
C HIS A 18 -2.33 -2.08 0.15
N CYS A 19 -3.00 -2.27 1.29
CA CYS A 19 -4.14 -1.42 1.66
C CYS A 19 -4.32 -1.49 3.17
N HIS A 20 -5.44 -0.97 3.66
CA HIS A 20 -5.59 -0.64 5.06
C HIS A 20 -7.04 -0.91 5.56
N PHE A 21 -7.18 -1.00 6.88
CA PHE A 21 -8.45 -1.28 7.48
C PHE A 21 -9.52 -0.27 7.08
N LEU A 22 -10.74 -0.80 6.97
CA LEU A 22 -11.95 0.00 6.92
C LEU A 22 -12.42 0.41 8.31
N ILE A 23 -13.31 1.39 8.37
CA ILE A 23 -13.95 1.81 9.61
C ILE A 23 -15.41 1.37 9.65
N ASP A 24 -15.93 1.39 10.88
CA ASP A 24 -17.35 1.14 11.18
C ASP A 24 -18.27 2.03 10.35
N GLY A 25 -19.13 1.39 9.55
CA GLY A 25 -20.05 2.08 8.65
C GLY A 25 -21.09 2.93 9.38
N LYS A 26 -21.28 2.69 10.68
CA LYS A 26 -22.23 3.44 11.50
C LYS A 26 -21.71 4.80 11.99
N VAL A 27 -20.42 5.10 11.77
CA VAL A 27 -19.87 6.39 12.19
C VAL A 27 -20.66 7.54 11.60
N PRO A 28 -21.08 8.49 12.42
CA PRO A 28 -22.07 9.46 11.94
C PRO A 28 -21.65 10.51 10.90
N ASN A 29 -20.40 10.99 10.97
CA ASN A 29 -19.97 12.13 10.13
C ASN A 29 -19.27 11.61 8.87
N ARG A 30 -19.99 10.81 8.10
CA ARG A 30 -19.43 10.10 6.95
C ARG A 30 -18.82 11.06 5.88
N ASP A 31 -19.53 12.12 5.53
CA ASP A 31 -19.00 13.12 4.55
C ASP A 31 -17.64 13.67 5.02
N ASP A 32 -17.57 14.11 6.26
CA ASP A 32 -16.32 14.66 6.79
C ASP A 32 -15.22 13.58 6.85
N ARG A 33 -15.57 12.36 7.22
CA ARG A 33 -14.59 11.27 7.24
C ARG A 33 -14.06 10.94 5.86
N LEU A 34 -14.91 10.97 4.85
CA LEU A 34 -14.50 10.81 3.47
C LEU A 34 -13.53 11.93 3.07
N ALA A 35 -13.87 13.17 3.41
CA ALA A 35 -12.96 14.29 3.14
C ALA A 35 -11.63 14.11 3.85
N GLN A 36 -11.66 13.72 5.12
CA GLN A 36 -10.44 13.63 5.91
C GLN A 36 -9.52 12.52 5.34
N VAL A 37 -10.08 11.41 4.85
CA VAL A 37 -9.25 10.34 4.35
C VAL A 37 -8.77 10.57 2.91
N SER A 38 -9.36 11.56 2.23
CA SER A 38 -9.03 11.85 0.83
C SER A 38 -7.71 12.59 0.66
N THR A 39 -7.01 12.85 1.76
CA THR A 39 -5.77 13.61 1.75
C THR A 39 -4.86 13.10 2.86
N GLU A 40 -3.57 13.37 2.74
CA GLU A 40 -2.63 13.13 3.82
C GLU A 40 -2.45 14.30 4.78
N ALA A 41 -3.18 15.39 4.58
CA ALA A 41 -3.16 16.51 5.49
C ALA A 41 -3.68 16.05 6.87
N ASP A 42 -3.26 16.75 7.91
CA ASP A 42 -3.64 16.42 9.27
C ASP A 42 -4.92 17.13 9.71
N LYS A 43 -5.36 16.83 10.95
CA LYS A 43 -6.63 17.32 11.44
C LYS A 43 -6.70 18.82 11.59
N ASP A 44 -5.56 19.49 11.61
CA ASP A 44 -5.55 20.93 11.76
C ASP A 44 -5.66 21.65 10.40
N TYR A 45 -5.45 20.94 9.30
CA TYR A 45 -5.49 21.54 7.96
C TYR A 45 -6.96 21.86 7.61
N PRO A 46 -7.23 23.02 6.98
CA PRO A 46 -8.64 23.35 6.77
C PRO A 46 -9.40 22.39 5.88
N LEU A 47 -10.51 21.86 6.42
CA LEU A 47 -11.26 20.86 5.68
C LEU A 47 -11.81 21.42 4.38
N ALA A 48 -12.16 22.70 4.38
CA ALA A 48 -12.65 23.36 3.17
C ALA A 48 -11.63 23.30 2.05
N ASP A 49 -10.34 23.42 2.38
CA ASP A 49 -9.28 23.30 1.37
C ASP A 49 -9.17 21.87 0.84
N THR A 50 -9.21 20.88 1.75
CA THR A 50 -9.24 19.50 1.32
C THR A 50 -10.39 19.23 0.36
N LYS A 51 -11.55 19.81 0.64
CA LYS A 51 -12.74 19.60 -0.20
CA LYS A 51 -12.73 19.57 -0.20
C LYS A 51 -12.66 20.30 -1.55
N ASN A 52 -11.63 21.13 -1.73
CA ASN A 52 -11.36 21.76 -3.01
C ASN A 52 -10.25 21.07 -3.81
N ARG A 53 -9.93 19.85 -3.45
CA ARG A 53 -9.10 18.94 -4.24
C ARG A 53 -10.00 18.00 -4.99
N LEU A 54 -9.48 17.45 -6.07
CA LEU A 54 -10.27 16.56 -6.90
C LEU A 54 -10.60 15.23 -6.22
N ALA A 55 -9.73 14.70 -5.36
CA ALA A 55 -9.96 13.38 -4.76
C ALA A 55 -11.30 13.30 -4.03
N TYR A 56 -11.58 14.33 -3.23
CA TYR A 56 -12.84 14.35 -2.48
C TYR A 56 -14.03 14.25 -3.43
N HIS A 57 -13.96 15.02 -4.51
CA HIS A 57 -15.05 14.95 -5.50
C HIS A 57 -15.18 13.61 -6.18
N GLY A 58 -14.06 12.93 -6.41
CA GLY A 58 -14.11 11.55 -6.88
C GLY A 58 -14.78 10.62 -5.89
N PHE A 59 -14.46 10.79 -4.62
CA PHE A 59 -15.11 9.97 -3.60
C PHE A 59 -16.59 10.21 -3.57
N LEU A 60 -17.00 11.48 -3.66
CA LEU A 60 -18.45 11.79 -3.67
C LEU A 60 -19.14 11.20 -4.86
N ALA A 61 -18.50 11.23 -6.02
CA ALA A 61 -19.06 10.69 -7.24
C ALA A 61 -19.32 9.21 -7.06
N LEU A 62 -18.39 8.49 -6.46
CA LEU A 62 -18.56 7.06 -6.25
C LEU A 62 -19.64 6.79 -5.21
N ALA A 63 -19.69 7.59 -4.16
CA ALA A 63 -20.74 7.44 -3.15
C ALA A 63 -22.12 7.56 -3.76
N LYS A 64 -22.29 8.52 -4.64
CA LYS A 64 -23.58 8.72 -5.31
CA LYS A 64 -23.59 8.71 -5.31
CA LYS A 64 -23.59 8.70 -5.29
C LYS A 64 -23.89 7.55 -6.22
N GLU A 65 -22.92 7.12 -7.02
CA GLU A 65 -23.07 6.03 -7.99
C GLU A 65 -23.53 4.70 -7.37
N PHE A 66 -22.98 4.38 -6.21
CA PHE A 66 -23.25 3.12 -5.56
C PHE A 66 -24.19 3.22 -4.35
N ALA A 67 -24.73 4.40 -4.07
CA ALA A 67 -25.51 4.67 -2.86
C ALA A 67 -26.63 3.63 -2.62
N LEU A 68 -26.75 3.17 -1.37
CA LEU A 68 -27.90 2.39 -0.98
C LEU A 68 -29.22 3.12 -1.22
N ASP A 69 -29.25 4.37 -0.79
CA ASP A 69 -30.42 5.27 -0.87
C ASP A 69 -29.99 6.52 -1.61
N ALA A 70 -30.43 6.60 -2.87
CA ALA A 70 -30.12 7.70 -3.77
C ALA A 70 -30.51 9.05 -3.18
N ASN A 71 -31.47 9.03 -2.27
CA ASN A 71 -31.94 10.25 -1.65
C ASN A 71 -31.16 10.64 -0.41
N ASN A 72 -30.33 9.73 0.10
CA ASN A 72 -29.50 10.01 1.26
C ASN A 72 -28.15 9.34 1.00
N PRO A 73 -27.43 9.81 -0.02
CA PRO A 73 -26.24 9.11 -0.47
C PRO A 73 -25.07 9.10 0.52
N LEU A 74 -25.05 10.05 1.46
CA LEU A 74 -23.98 10.14 2.46
CA LEU A 74 -23.99 10.15 2.47
C LEU A 74 -24.37 9.66 3.87
N ALA A 75 -25.47 8.93 3.98
CA ALA A 75 -25.92 8.39 5.26
C ALA A 75 -24.95 7.39 5.83
N ALA A 76 -24.81 7.39 7.16
CA ALA A 76 -24.20 6.24 7.85
C ALA A 76 -25.03 4.98 7.56
N ASN A 78 -26.04 0.86 8.70
CA ASN A 78 -26.01 -0.28 9.60
CA ASN A 78 -26.07 -0.32 9.57
C ASN A 78 -25.31 -1.47 8.95
N ASP A 79 -25.09 -2.54 9.72
CA ASP A 79 -24.21 -3.59 9.23
C ASP A 79 -24.64 -4.29 7.92
N PRO A 80 -25.92 -4.67 7.79
CA PRO A 80 -26.32 -5.29 6.51
C PRO A 80 -26.15 -4.35 5.31
N GLY A 81 -26.58 -3.10 5.50
CA GLY A 81 -26.42 -2.10 4.43
C GLY A 81 -24.95 -1.87 4.09
N TYR A 82 -24.14 -1.77 5.10
CA TYR A 82 -22.70 -1.51 4.87
C TYR A 82 -22.05 -2.67 4.13
N ALA A 83 -22.39 -3.92 4.47
CA ALA A 83 -21.88 -5.05 3.74
C ALA A 83 -22.36 -5.00 2.28
N THR A 84 -23.65 -4.73 2.08
CA THR A 84 -24.18 -4.60 0.72
C THR A 84 -23.41 -3.55 -0.11
N TYR A 85 -23.19 -2.43 0.53
CA TYR A 85 -22.50 -1.28 -0.10
C TYR A 85 -21.05 -1.62 -0.46
N ASN A 86 -20.32 -2.18 0.50
CA ASN A 86 -18.96 -2.68 0.22
C ASN A 86 -18.95 -3.72 -0.90
N HIS A 87 -19.87 -4.70 -0.84
CA HIS A 87 -19.95 -5.71 -1.88
C HIS A 87 -20.16 -5.07 -3.26
N ARG A 88 -20.97 -4.03 -3.33
CA ARG A 88 -21.24 -3.37 -4.63
C ARG A 88 -19.98 -2.77 -5.24
N ILE A 89 -19.18 -2.11 -4.40
CA ILE A 89 -17.98 -1.43 -4.89
C ILE A 89 -16.87 -2.41 -5.19
N PHE A 90 -16.53 -3.27 -4.21
CA PHE A 90 -15.47 -4.25 -4.45
C PHE A 90 -15.81 -5.16 -5.62
N GLY A 91 -17.09 -5.57 -5.72
CA GLY A 91 -17.54 -6.43 -6.82
C GLY A 91 -17.49 -5.73 -8.15
N HIS A 92 -17.88 -4.45 -8.21
CA HIS A 92 -17.91 -3.74 -9.48
C HIS A 92 -16.54 -3.72 -10.15
N PHE A 93 -15.50 -3.49 -9.33
CA PHE A 93 -14.13 -3.37 -9.84
C PHE A 93 -13.38 -4.71 -9.91
N HIS A 94 -14.02 -5.78 -9.45
CA HIS A 94 -13.51 -7.16 -9.48
C HIS A 94 -12.28 -7.32 -8.53
N PHE A 95 -12.30 -6.64 -7.38
CA PHE A 95 -11.32 -6.97 -6.35
C PHE A 95 -11.48 -8.43 -5.95
N LYS A 96 -10.38 -9.16 -5.84
CA LYS A 96 -10.42 -10.56 -5.40
C LYS A 96 -9.67 -10.86 -4.12
N GLU A 97 -8.80 -9.96 -3.65
CA GLU A 97 -8.10 -10.15 -2.37
C GLU A 97 -7.55 -8.81 -1.90
N LEU A 98 -7.53 -8.60 -0.59
CA LEU A 98 -6.88 -7.47 0.04
C LEU A 98 -5.76 -7.95 0.94
N LEU A 99 -4.58 -7.33 0.82
CA LEU A 99 -3.50 -7.54 1.78
C LEU A 99 -3.36 -6.25 2.59
N ILE A 100 -3.76 -6.30 3.85
CA ILE A 100 -3.85 -5.14 4.73
C ILE A 100 -2.62 -5.04 5.63
N ASP A 101 -1.96 -3.88 5.54
CA ASP A 101 -0.91 -3.49 6.47
C ASP A 101 -1.59 -3.15 7.80
N THR A 102 -1.46 -4.03 8.79
CA THR A 102 -2.24 -3.89 9.99
C THR A 102 -1.61 -2.90 11.00
N GLY A 103 -0.51 -2.24 10.62
CA GLY A 103 0.15 -1.28 11.49
C GLY A 103 -0.45 0.12 11.50
N PHE A 104 -1.33 0.44 10.55
CA PHE A 104 -2.11 1.69 10.56
C PHE A 104 -3.52 1.41 11.05
N VAL A 105 -3.95 2.16 12.05
CA VAL A 105 -5.27 1.95 12.63
C VAL A 105 -6.07 3.24 12.53
N PRO A 106 -7.07 3.28 11.64
CA PRO A 106 -7.90 4.50 11.56
C PRO A 106 -8.83 4.54 12.76
N ASP A 107 -9.35 5.72 13.08
CA ASP A 107 -10.30 5.84 14.19
C ASP A 107 -11.58 5.07 13.86
N ASP A 108 -12.16 4.42 14.88
CA ASP A 108 -13.34 3.57 14.74
C ASP A 108 -13.11 2.40 13.78
N PRO A 109 -11.99 1.67 13.94
CA PRO A 109 -11.62 0.66 12.96
C PRO A 109 -12.45 -0.61 13.04
N ILE A 110 -12.50 -1.31 11.92
CA ILE A 110 -12.79 -2.73 11.88
C ILE A 110 -11.44 -3.48 11.82
N LEU A 111 -11.00 -4.01 12.97
CA LEU A 111 -9.67 -4.65 13.08
C LEU A 111 -9.68 -6.13 12.72
N ASP A 112 -10.81 -6.78 12.85
CA ASP A 112 -10.84 -8.20 12.63
C ASP A 112 -10.84 -8.51 11.15
N LEU A 113 -9.89 -9.32 10.70
CA LEU A 113 -9.75 -9.62 9.29
C LEU A 113 -10.86 -10.50 8.75
N ASP A 114 -11.37 -11.42 9.58
CA ASP A 114 -12.50 -12.24 9.19
C ASP A 114 -13.74 -11.36 9.00
N GLN A 115 -13.97 -10.43 9.91
CA GLN A 115 -15.08 -9.48 9.76
C GLN A 115 -14.91 -8.62 8.52
N THR A 116 -13.68 -8.19 8.25
CA THR A 116 -13.42 -7.42 7.03
C THR A 116 -13.74 -8.27 5.80
N ALA A 117 -13.28 -9.52 5.78
CA ALA A 117 -13.54 -10.41 4.65
C ALA A 117 -15.07 -10.60 4.42
N GLU A 118 -15.83 -10.72 5.51
CA GLU A 118 -17.30 -10.84 5.40
CA GLU A 118 -17.28 -10.84 5.37
C GLU A 118 -17.91 -9.56 4.82
N LEU A 119 -17.43 -8.43 5.27
CA LEU A 119 -17.91 -7.13 4.85
C LEU A 119 -17.71 -6.89 3.35
N VAL A 120 -16.53 -7.23 2.84
CA VAL A 120 -16.14 -6.89 1.47
C VAL A 120 -16.39 -8.04 0.48
N GLY A 121 -16.51 -9.25 1.01
CA GLY A 121 -16.85 -10.43 0.20
C GLY A 121 -15.71 -11.18 -0.45
N ILE A 122 -14.47 -10.90 0.00
CA ILE A 122 -13.28 -11.49 -0.58
C ILE A 122 -12.29 -11.74 0.53
N PRO A 123 -11.31 -12.61 0.29
CA PRO A 123 -10.29 -12.85 1.32
C PRO A 123 -9.42 -11.64 1.65
N VAL A 124 -9.00 -11.59 2.91
CA VAL A 124 -8.22 -10.47 3.47
C VAL A 124 -7.11 -11.08 4.31
N LYS A 125 -5.86 -10.73 4.01
CA LYS A 125 -4.69 -11.22 4.75
C LYS A 125 -3.88 -10.04 5.29
N ALA A 126 -3.00 -10.34 6.24
CA ALA A 126 -2.23 -9.32 6.96
C ALA A 126 -0.79 -9.22 6.45
N ILE A 127 -0.32 -7.98 6.42
CA ILE A 127 1.09 -7.57 6.20
C ILE A 127 1.64 -7.06 7.54
N TYR A 128 2.84 -7.53 7.88
CA TYR A 128 3.48 -7.26 9.17
C TYR A 128 4.27 -5.98 9.12
N ARG A 129 3.80 -4.97 9.83
CA ARG A 129 4.53 -3.70 9.86
C ARG A 129 5.68 -3.79 10.89
N LEU A 130 6.90 -3.64 10.40
CA LEU A 130 8.06 -3.79 11.25
C LEU A 130 8.13 -2.80 12.43
N GLU A 131 7.99 -1.52 12.12
CA GLU A 131 8.25 -0.50 13.13
C GLU A 131 7.25 -0.54 14.29
N THR A 132 5.97 -0.82 14.00
CA THR A 132 4.96 -0.89 15.06
C THR A 132 5.18 -2.12 15.95
N HIS A 133 5.59 -3.25 15.37
CA HIS A 133 5.94 -4.41 16.18
C HIS A 133 7.19 -4.08 17.02
N ALA A 134 8.15 -3.38 16.42
CA ALA A 134 9.36 -2.98 17.15
C ALA A 134 8.97 -2.12 18.39
N GLU A 135 8.06 -1.17 18.18
CA GLU A 135 7.55 -0.31 19.26
C GLU A 135 6.88 -1.10 20.36
N ASP A 136 6.04 -2.04 19.99
CA ASP A 136 5.32 -2.79 21.00
C ASP A 136 6.26 -3.67 21.83
N PHE A 137 7.27 -4.25 21.18
CA PHE A 137 8.29 -5.00 21.91
C PHE A 137 9.16 -4.11 22.81
N LEU A 139 8.34 -1.69 24.62
CA LEU A 139 7.66 -1.43 25.90
C LEU A 139 7.89 -2.55 26.95
N GLU A 140 8.23 -3.73 26.47
CA GLU A 140 8.38 -4.92 27.31
CA GLU A 140 8.37 -4.91 27.32
C GLU A 140 9.82 -5.22 27.74
N HIS A 141 10.79 -4.43 27.27
CA HIS A 141 12.21 -4.73 27.54
C HIS A 141 13.01 -3.50 27.89
N ASP A 142 13.96 -3.63 28.85
CA ASP A 142 14.72 -2.45 29.23
CA ASP A 142 14.81 -2.54 29.35
C ASP A 142 16.10 -2.34 28.59
N ASN A 143 16.51 -3.35 27.81
CA ASN A 143 17.81 -3.34 27.13
C ASN A 143 17.71 -3.86 25.70
N PHE A 144 18.61 -3.37 24.88
CA PHE A 144 18.65 -3.75 23.45
C PHE A 144 18.69 -5.26 23.23
N ALA A 145 19.55 -5.98 23.92
CA ALA A 145 19.70 -7.39 23.58
C ALA A 145 18.40 -8.19 23.77
N ALA A 146 17.71 -7.95 24.88
CA ALA A 146 16.46 -8.68 25.17
C ALA A 146 15.37 -8.21 24.20
N TRP A 147 15.33 -6.92 23.91
CA TRP A 147 14.37 -6.38 22.94
C TRP A 147 14.60 -7.00 21.55
N TRP A 148 15.86 -6.99 21.10
CA TRP A 148 16.19 -7.53 19.78
C TRP A 148 15.87 -9.02 19.68
N GLN A 149 16.16 -9.78 20.72
CA GLN A 149 15.84 -11.21 20.69
C GLN A 149 14.33 -11.43 20.53
N ALA A 150 13.55 -10.69 21.30
CA ALA A 150 12.09 -10.87 21.29
C ALA A 150 11.50 -10.42 19.93
N PHE A 151 11.96 -9.27 19.47
CA PHE A 151 11.44 -8.70 18.23
C PHE A 151 11.86 -9.55 17.04
N SER A 152 13.15 -9.91 16.96
CA SER A 152 13.60 -10.71 15.85
C SER A 152 12.90 -12.08 15.83
N ASN A 153 12.69 -12.68 16.99
CA ASN A 153 11.92 -13.95 17.02
C ASN A 153 10.51 -13.76 16.43
N ASP A 154 9.84 -12.64 16.77
CA ASP A 154 8.52 -12.34 16.23
C ASP A 154 8.52 -12.19 14.70
N VAL A 155 9.54 -11.56 14.18
CA VAL A 155 9.71 -11.39 12.73
C VAL A 155 9.88 -12.76 12.07
N LYS A 156 10.73 -13.60 12.67
CA LYS A 156 10.98 -14.93 12.16
C LYS A 156 9.73 -15.80 12.16
N GLN A 157 8.80 -15.54 13.06
CA GLN A 157 7.56 -16.29 13.21
C GLN A 157 6.38 -15.74 12.40
N ALA A 158 6.62 -14.66 11.62
CA ALA A 158 5.49 -13.98 10.98
C ALA A 158 4.75 -14.90 10.05
N LYS A 159 5.47 -15.65 9.22
CA LYS A 159 4.78 -16.56 8.26
C LYS A 159 3.90 -17.60 9.01
N ALA A 160 4.51 -18.19 10.04
CA ALA A 160 3.81 -19.16 10.89
C ALA A 160 2.56 -18.56 11.55
N HIS A 161 2.62 -17.26 11.88
CA HIS A 161 1.51 -16.58 12.48
C HIS A 161 0.48 -16.07 11.46
N GLY A 162 0.72 -16.32 10.18
CA GLY A 162 -0.29 -16.06 9.13
C GLY A 162 -0.09 -14.76 8.33
N PHE A 163 0.95 -13.99 8.64
CA PHE A 163 1.26 -12.84 7.80
C PHE A 163 1.77 -13.28 6.45
N VAL A 164 1.53 -12.47 5.43
CA VAL A 164 1.92 -12.81 4.06
C VAL A 164 3.01 -11.92 3.48
N GLY A 165 3.52 -11.00 4.29
CA GLY A 165 4.58 -10.10 3.86
C GLY A 165 4.86 -9.14 4.99
N PHE A 166 5.82 -8.24 4.72
CA PHE A 166 6.32 -7.28 5.70
C PHE A 166 6.27 -5.88 5.10
N SER A 168 7.89 -1.75 5.88
CA SER A 168 8.60 -0.69 6.61
C SER A 168 8.08 0.70 6.28
N ILE A 169 7.82 1.45 7.35
CA ILE A 169 7.47 2.87 7.27
C ILE A 169 8.68 3.80 7.50
N ALA A 170 9.89 3.29 7.25
CA ALA A 170 11.10 4.10 7.41
C ALA A 170 11.02 5.47 6.75
N ALA A 171 10.42 5.52 5.57
CA ALA A 171 10.36 6.80 4.83
C ALA A 171 9.66 7.87 5.66
N TYR A 172 8.66 7.50 6.45
CA TYR A 172 7.88 8.46 7.25
C TYR A 172 8.68 8.92 8.52
N ARG A 173 9.67 8.14 8.93
CA ARG A 173 10.34 8.34 10.23
C ARG A 173 11.72 8.95 10.05
N VAL A 174 12.48 8.38 9.11
CA VAL A 174 13.92 8.66 8.95
C VAL A 174 14.39 8.82 7.52
N GLY A 175 13.54 8.52 6.55
CA GLY A 175 13.93 8.60 5.18
C GLY A 175 14.49 7.28 4.67
N LEU A 176 14.93 7.30 3.41
CA LEU A 176 15.29 6.09 2.70
C LEU A 176 16.78 5.95 2.34
N HIS A 177 17.64 6.80 2.91
CA HIS A 177 19.07 6.69 2.68
CA HIS A 177 19.07 6.66 2.66
C HIS A 177 19.64 5.64 3.62
N LEU A 178 19.34 4.38 3.33
CA LEU A 178 19.62 3.29 4.24
C LEU A 178 21.12 2.95 4.18
N GLU A 179 21.77 2.90 5.35
CA GLU A 179 23.18 2.55 5.39
C GLU A 179 23.38 1.60 6.57
N PRO A 180 24.35 0.70 6.46
CA PRO A 180 24.62 -0.21 7.57
C PRO A 180 25.05 0.54 8.82
N VAL A 181 24.66 -0.04 9.93
CA VAL A 181 24.89 0.51 11.28
C VAL A 181 25.45 -0.57 12.20
N ASN A 182 26.49 -0.21 12.94
CA ASN A 182 27.08 -1.08 13.95
CA ASN A 182 27.01 -1.18 13.87
C ASN A 182 26.13 -1.29 15.12
N VAL A 183 26.20 -2.46 15.75
CA VAL A 183 25.39 -2.75 16.91
C VAL A 183 25.58 -1.70 18.05
N ILE A 184 26.77 -1.12 18.18
CA ILE A 184 27.00 -0.11 19.21
C ILE A 184 26.02 1.06 19.03
N GLU A 185 25.94 1.57 17.80
CA GLU A 185 25.07 2.70 17.48
C GLU A 185 23.60 2.32 17.54
N ALA A 186 23.28 1.11 17.13
CA ALA A 186 21.89 0.61 17.20
C ALA A 186 21.42 0.53 18.65
N ALA A 187 22.27 -0.01 19.53
CA ALA A 187 21.93 -0.16 20.93
C ALA A 187 21.86 1.21 21.64
N ALA A 188 22.74 2.14 21.26
CA ALA A 188 22.69 3.51 21.79
C ALA A 188 21.36 4.17 21.34
N GLY A 189 20.94 3.93 20.10
CA GLY A 189 19.66 4.42 19.60
C GLY A 189 18.49 3.87 20.38
N PHE A 190 18.54 2.57 20.68
CA PHE A 190 17.54 1.92 21.49
C PHE A 190 17.47 2.57 22.89
N ASP A 191 18.62 2.77 23.51
CA ASP A 191 18.64 3.36 24.86
C ASP A 191 18.05 4.76 24.83
N THR A 192 18.44 5.59 23.87
CA THR A 192 17.93 6.96 23.74
C THR A 192 16.40 6.93 23.57
N TRP A 193 15.93 6.01 22.74
CA TRP A 193 14.50 5.81 22.53
C TRP A 193 13.77 5.43 23.80
N LYS A 194 14.25 4.41 24.45
CA LYS A 194 13.72 3.94 25.73
C LYS A 194 13.62 5.10 26.75
N HIS A 195 14.69 5.88 26.87
CA HIS A 195 14.76 6.97 27.86
C HIS A 195 13.92 8.20 27.49
N SER A 196 13.57 8.35 26.22
CA SER A 196 12.84 9.52 25.75
C SER A 196 11.36 9.50 26.19
N GLY A 197 10.85 8.34 26.55
CA GLY A 197 9.45 8.21 26.88
C GLY A 197 8.50 8.20 25.67
N GLU A 198 9.00 8.43 24.46
CA GLU A 198 8.18 8.46 23.28
CA GLU A 198 8.15 8.46 23.27
C GLU A 198 8.05 7.06 22.71
N LYS A 199 6.83 6.60 22.44
CA LYS A 199 6.63 5.28 21.92
C LYS A 199 7.11 5.16 20.48
N ARG A 200 6.86 6.19 19.69
CA ARG A 200 7.17 6.23 18.25
CA ARG A 200 7.16 6.16 18.25
C ARG A 200 8.66 5.94 17.99
N LEU A 201 8.95 4.98 17.12
CA LEU A 201 10.32 4.68 16.71
C LEU A 201 10.78 5.68 15.62
N THR A 202 11.76 6.51 15.95
CA THR A 202 12.28 7.58 15.10
C THR A 202 13.80 7.57 14.97
N SER A 203 14.47 6.61 15.59
CA SER A 203 15.94 6.54 15.59
C SER A 203 16.44 5.95 14.25
N LYS A 204 17.14 6.76 13.45
CA LYS A 204 17.71 6.31 12.19
C LYS A 204 18.73 5.17 12.40
N PRO A 205 19.67 5.30 13.35
CA PRO A 205 20.57 4.17 13.57
C PRO A 205 19.85 2.86 13.88
N LEU A 206 18.82 2.91 14.72
CA LEU A 206 18.11 1.67 15.05
C LEU A 206 17.23 1.15 13.90
N ILE A 207 16.53 2.03 13.22
CA ILE A 207 15.73 1.60 12.06
C ILE A 207 16.62 0.98 10.98
N ASP A 208 17.74 1.63 10.65
CA ASP A 208 18.60 1.12 9.58
C ASP A 208 19.23 -0.21 10.03
N TYR A 209 19.68 -0.32 11.29
CA TYR A 209 20.17 -1.62 11.81
C TYR A 209 19.09 -2.70 11.62
N LEU A 211 16.54 -2.82 9.62
CA LEU A 211 16.24 -3.21 8.22
C LEU A 211 17.33 -4.11 7.62
N TYR A 212 18.59 -3.82 7.92
CA TYR A 212 19.67 -4.68 7.41
C TYR A 212 19.63 -6.04 8.07
N HIS A 213 19.32 -6.09 9.37
CA HIS A 213 19.33 -7.36 10.10
C HIS A 213 18.09 -8.22 9.92
N VAL A 214 16.93 -7.65 9.60
CA VAL A 214 15.77 -8.48 9.36
C VAL A 214 15.74 -9.04 7.94
N ALA A 215 16.48 -8.45 7.00
CA ALA A 215 16.45 -8.90 5.62
C ALA A 215 16.66 -10.42 5.47
N PRO A 216 17.71 -10.98 6.10
CA PRO A 216 17.87 -12.45 5.98
C PRO A 216 16.70 -13.25 6.56
N PHE A 217 16.07 -12.75 7.63
CA PHE A 217 14.95 -13.43 8.22
C PHE A 217 13.76 -13.46 7.26
N ILE A 218 13.59 -12.38 6.50
CA ILE A 218 12.49 -12.22 5.56
C ILE A 218 12.77 -13.12 4.34
N ILE A 219 13.99 -13.09 3.82
CA ILE A 219 14.42 -13.96 2.71
C ILE A 219 14.14 -15.43 3.09
N ALA A 220 14.47 -15.83 4.31
CA ALA A 220 14.28 -17.23 4.72
C ALA A 220 12.81 -17.63 4.67
N GLN A 221 11.88 -16.70 4.90
CA GLN A 221 10.44 -16.97 4.82
C GLN A 221 9.87 -16.78 3.40
N ASP A 222 10.67 -16.22 2.51
CA ASP A 222 10.33 -15.97 1.12
C ASP A 222 9.03 -15.17 0.99
N PRO A 224 7.50 -10.93 0.64
CA PRO A 224 8.00 -9.62 0.28
C PRO A 224 8.14 -8.63 1.42
N LEU A 225 9.01 -7.64 1.18
CA LEU A 225 9.18 -6.49 2.09
C LEU A 225 8.78 -5.24 1.32
N GLN A 226 7.72 -4.61 1.81
CA GLN A 226 7.21 -3.37 1.24
C GLN A 226 7.84 -2.19 1.95
N PHE A 227 8.12 -1.11 1.20
CA PHE A 227 8.53 0.19 1.74
C PHE A 227 7.59 1.27 1.26
N HIS A 228 7.09 2.11 2.17
CA HIS A 228 6.51 3.39 1.71
C HIS A 228 7.58 4.19 1.00
N VAL A 229 7.24 4.76 -0.16
CA VAL A 229 8.16 5.64 -0.90
C VAL A 229 7.37 6.88 -1.30
N GLY A 230 7.96 8.07 -1.11
CA GLY A 230 7.36 9.31 -1.62
C GLY A 230 6.20 9.83 -0.78
N TYR A 231 5.16 10.34 -1.47
CA TYR A 231 3.91 10.94 -0.92
C TYR A 231 3.59 10.56 0.53
N GLY A 232 3.83 11.50 1.44
CA GLY A 232 3.57 11.31 2.86
C GLY A 232 2.90 12.53 3.48
N ASP A 233 2.82 12.55 4.81
CA ASP A 233 2.26 13.70 5.51
C ASP A 233 3.28 14.84 5.74
N ALA A 234 2.83 15.94 6.36
CA ALA A 234 3.67 17.15 6.54
C ALA A 234 4.86 16.89 7.45
N ASP A 235 4.79 15.84 8.25
CA ASP A 235 5.94 15.42 9.09
C ASP A 235 6.91 14.45 8.39
N THR A 236 6.58 14.04 7.17
CA THR A 236 7.48 13.20 6.36
C THR A 236 8.42 14.16 5.61
N ASP A 237 9.70 13.84 5.57
CA ASP A 237 10.61 14.63 4.77
C ASP A 237 10.67 13.98 3.38
N TYR A 239 11.93 14.90 0.79
CA TYR A 239 13.26 15.02 0.14
C TYR A 239 14.09 13.77 0.32
N LEU A 240 13.87 13.07 1.43
CA LEU A 240 14.57 11.83 1.76
C LEU A 240 13.84 10.59 1.30
N GLY A 241 12.75 10.78 0.58
CA GLY A 241 11.92 9.67 0.13
C GLY A 241 12.23 9.22 -1.28
N ASN A 242 13.30 9.75 -1.88
CA ASN A 242 13.71 9.38 -3.23
C ASN A 242 14.30 7.95 -3.16
N PRO A 243 13.70 6.98 -3.85
CA PRO A 243 14.16 5.61 -3.68
C PRO A 243 15.54 5.31 -4.26
N LEU A 244 16.12 6.22 -5.05
CA LEU A 244 17.53 6.09 -5.44
C LEU A 244 18.42 6.04 -4.19
N LEU A 245 17.95 6.61 -3.08
CA LEU A 245 18.73 6.62 -1.85
C LEU A 245 18.84 5.21 -1.24
N ARG A 247 19.74 2.54 -2.89
CA ARG A 247 20.55 1.69 -3.75
CA ARG A 247 20.59 1.72 -3.74
C ARG A 247 21.50 0.77 -2.96
N ASP A 248 22.14 1.23 -1.87
CA ASP A 248 23.06 0.34 -1.19
CA ASP A 248 23.05 0.35 -1.04
C ASP A 248 22.32 -0.86 -0.56
N TYR A 249 21.14 -0.62 0.00
CA TYR A 249 20.33 -1.69 0.55
C TYR A 249 19.91 -2.65 -0.56
N LEU A 250 19.50 -2.11 -1.70
CA LEU A 250 19.04 -2.96 -2.80
C LEU A 250 20.20 -3.83 -3.33
N LYS A 251 21.39 -3.24 -3.43
CA LYS A 251 22.59 -3.96 -3.86
C LYS A 251 22.91 -5.07 -2.84
N ALA A 252 22.71 -4.77 -1.56
CA ALA A 252 23.03 -5.74 -0.53
C ALA A 252 22.12 -6.97 -0.51
N PHE A 253 20.85 -6.79 -0.82
CA PHE A 253 19.88 -7.85 -0.58
C PHE A 253 19.10 -8.41 -1.78
N THR A 254 18.84 -7.60 -2.81
CA THR A 254 18.04 -8.13 -3.91
C THR A 254 18.68 -9.35 -4.57
N LYS A 255 20.00 -9.34 -4.68
CA LYS A 255 20.73 -10.46 -5.31
C LYS A 255 20.72 -11.70 -4.42
N LYS A 256 20.49 -11.50 -3.12
CA LYS A 256 20.32 -12.57 -2.16
C LYS A 256 18.91 -13.12 -2.10
N GLY A 257 17.98 -12.51 -2.85
CA GLY A 257 16.65 -13.04 -2.94
C GLY A 257 15.58 -12.22 -2.25
N LEU A 258 15.92 -11.10 -1.63
CA LEU A 258 14.91 -10.26 -0.99
C LEU A 258 14.02 -9.62 -2.03
N LYS A 259 12.72 -9.84 -1.86
CA LYS A 259 11.73 -9.25 -2.76
CA LYS A 259 11.69 -9.27 -2.74
C LYS A 259 11.23 -7.94 -2.15
N VAL A 260 11.62 -6.84 -2.78
CA VAL A 260 11.36 -5.50 -2.25
C VAL A 260 10.27 -4.85 -3.11
N VAL A 261 9.28 -4.27 -2.44
CA VAL A 261 8.16 -3.59 -3.12
C VAL A 261 8.09 -2.15 -2.70
N LEU A 262 8.24 -1.27 -3.67
CA LEU A 262 8.22 0.18 -3.46
C LEU A 262 6.80 0.70 -3.64
N LEU A 263 6.19 1.12 -2.53
CA LEU A 263 4.79 1.56 -2.51
C LEU A 263 4.67 3.05 -2.83
N HIS A 264 3.70 3.40 -3.68
CA HIS A 264 3.27 4.81 -3.97
C HIS A 264 4.17 5.54 -4.92
N CYS A 265 5.42 5.69 -4.51
CA CYS A 265 6.55 6.21 -5.27
C CYS A 265 6.50 7.66 -5.61
N TYR A 266 5.36 8.11 -6.11
CA TYR A 266 5.18 9.53 -6.52
C TYR A 266 5.74 10.51 -5.49
N PRO A 267 6.52 11.54 -5.93
CA PRO A 267 6.81 11.95 -7.30
C PRO A 267 7.99 11.26 -7.97
N TYR A 268 8.47 10.17 -7.33
CA TYR A 268 9.69 9.46 -7.75
C TYR A 268 9.40 8.15 -8.46
N HIS A 269 8.27 8.11 -9.14
CA HIS A 269 7.86 6.93 -9.91
C HIS A 269 8.78 6.62 -11.11
N ARG A 270 9.38 7.61 -11.76
CA ARG A 270 10.34 7.30 -12.83
C ARG A 270 11.57 6.63 -12.20
N GLU A 271 11.96 7.08 -11.03
CA GLU A 271 13.12 6.51 -10.34
C GLU A 271 12.83 5.07 -9.97
N ALA A 272 11.63 4.81 -9.43
CA ALA A 272 11.25 3.46 -9.04
C ALA A 272 11.23 2.52 -10.24
N GLY A 273 10.69 2.96 -11.38
CA GLY A 273 10.64 2.14 -12.58
C GLY A 273 12.02 1.87 -13.14
N TYR A 274 12.88 2.88 -13.12
CA TYR A 274 14.30 2.70 -13.44
C TYR A 274 14.92 1.61 -12.55
N LEU A 275 14.73 1.72 -11.24
CA LEU A 275 15.28 0.72 -10.34
C LEU A 275 14.78 -0.70 -10.66
N ALA A 276 13.50 -0.81 -11.04
CA ALA A 276 12.93 -2.09 -11.39
C ALA A 276 13.62 -2.68 -12.63
N SER A 277 14.09 -1.83 -13.51
CA SER A 277 14.75 -2.24 -14.74
C SER A 277 16.18 -2.74 -14.55
N VAL A 278 16.80 -2.44 -13.40
CA VAL A 278 18.22 -2.82 -13.18
C VAL A 278 18.47 -3.66 -11.94
N PHE A 279 17.49 -3.81 -11.03
CA PHE A 279 17.62 -4.71 -9.90
C PHE A 279 16.70 -5.91 -10.01
N PRO A 280 17.17 -7.08 -9.61
CA PRO A 280 16.26 -8.23 -9.51
C PRO A 280 15.32 -8.03 -8.37
N ASN A 281 14.17 -8.66 -8.42
CA ASN A 281 13.29 -8.82 -7.26
C ASN A 281 12.76 -7.48 -6.73
N LEU A 282 12.65 -6.49 -7.63
CA LEU A 282 12.25 -5.13 -7.21
CA LEU A 282 12.27 -5.13 -7.23
C LEU A 282 10.98 -4.75 -7.95
N TYR A 283 9.93 -4.54 -7.19
CA TYR A 283 8.59 -4.26 -7.66
C TYR A 283 8.13 -2.91 -7.15
N PHE A 284 7.07 -2.38 -7.74
CA PHE A 284 6.56 -1.08 -7.30
C PHE A 284 5.11 -0.90 -7.69
N ASP A 285 4.49 0.09 -7.06
CA ASP A 285 3.13 0.51 -7.41
C ASP A 285 3.02 2.03 -7.42
N ILE A 286 1.85 2.54 -7.88
N ILE A 286 1.94 2.49 -8.04
CA ILE A 286 1.53 3.99 -7.81
CA ILE A 286 1.54 3.88 -7.98
C ILE A 286 0.26 4.23 -6.99
C ILE A 286 0.14 3.81 -7.39
N SER A 287 0.10 3.39 -5.97
N SER A 287 0.12 3.77 -6.08
CA SER A 287 -0.96 3.52 -4.98
CA SER A 287 -1.12 3.72 -5.32
C SER A 287 -0.86 4.89 -4.26
C SER A 287 -1.32 5.15 -4.84
N LEU A 288 -1.99 5.36 -3.70
CA LEU A 288 -2.08 6.67 -3.03
C LEU A 288 -2.12 7.86 -3.99
N LEU A 289 -1.18 7.92 -4.94
CA LEU A 289 -1.34 8.79 -6.08
C LEU A 289 -2.62 8.41 -6.88
N ASP A 290 -2.85 7.10 -7.09
N ASP A 290 -2.85 7.16 -7.23
CA ASP A 290 -3.82 6.72 -8.05
CA ASP A 290 -3.92 6.91 -8.21
C ASP A 290 -5.23 7.17 -7.65
C ASP A 290 -5.34 7.08 -7.65
N ASN A 291 -5.52 7.17 -6.32
CA ASN A 291 -6.81 7.64 -5.74
C ASN A 291 -6.78 9.07 -5.22
N LEU A 292 -5.72 9.48 -4.56
CA LEU A 292 -5.72 10.83 -3.95
C LEU A 292 -5.23 11.92 -4.89
N GLY A 293 -4.69 11.49 -6.02
CA GLY A 293 -4.28 12.42 -7.12
C GLY A 293 -4.88 11.92 -8.40
N PRO A 294 -6.20 11.80 -8.42
CA PRO A 294 -6.85 11.03 -9.49
C PRO A 294 -6.65 11.58 -10.89
N SER A 295 -6.53 12.89 -11.08
CA SER A 295 -6.22 13.41 -12.45
C SER A 295 -4.81 13.05 -12.96
N GLY A 296 -3.93 12.61 -12.05
CA GLY A 296 -2.56 12.26 -12.45
C GLY A 296 -2.31 10.79 -12.72
N ALA A 297 -3.29 9.93 -12.44
CA ALA A 297 -3.07 8.48 -12.52
C ALA A 297 -2.58 8.02 -13.93
N SER A 298 -3.18 8.51 -15.01
CA SER A 298 -2.76 8.10 -16.37
CA SER A 298 -2.75 8.08 -16.36
C SER A 298 -1.34 8.56 -16.76
N ARG A 299 -1.05 9.84 -16.58
CA ARG A 299 0.29 10.33 -16.91
C ARG A 299 1.35 9.76 -15.98
N VAL A 300 1.02 9.61 -14.70
CA VAL A 300 1.93 8.95 -13.75
C VAL A 300 2.18 7.48 -14.10
N PHE A 301 1.13 6.75 -14.48
CA PHE A 301 1.33 5.39 -14.94
C PHE A 301 2.28 5.37 -16.13
N ASN A 302 1.99 6.22 -17.13
CA ASN A 302 2.81 6.22 -18.31
C ASN A 302 4.27 6.51 -17.99
N GLU A 303 4.50 7.51 -17.17
CA GLU A 303 5.86 7.90 -16.79
C GLU A 303 6.57 6.75 -16.04
N ALA A 304 5.81 6.10 -15.16
CA ALA A 304 6.29 4.99 -14.33
C ALA A 304 6.81 3.81 -15.13
N VAL A 305 6.23 3.55 -16.30
CA VAL A 305 6.61 2.39 -17.11
C VAL A 305 7.50 2.71 -18.32
N GLU A 306 8.06 3.90 -18.39
CA GLU A 306 8.96 4.23 -19.50
C GLU A 306 10.14 3.27 -19.60
N LEU A 307 10.71 2.86 -18.46
CA LEU A 307 11.82 1.92 -18.43
C LEU A 307 11.52 0.61 -17.73
N ALA A 308 10.50 0.56 -16.89
CA ALA A 308 10.27 -0.65 -16.10
C ALA A 308 9.80 -1.81 -16.95
N PRO A 309 10.08 -3.03 -16.50
CA PRO A 309 9.35 -4.16 -17.08
C PRO A 309 7.89 -4.11 -16.61
N TYR A 310 6.98 -4.49 -17.49
CA TYR A 310 5.57 -4.49 -17.15
C TYR A 310 5.26 -5.53 -16.07
N THR A 311 6.17 -6.51 -15.92
CA THR A 311 6.05 -7.55 -14.92
C THR A 311 6.58 -7.15 -13.53
N ARG A 312 6.92 -5.86 -13.35
CA ARG A 312 7.39 -5.36 -12.06
C ARG A 312 6.49 -4.33 -11.40
N ILE A 313 5.51 -3.81 -12.15
CA ILE A 313 4.56 -2.81 -11.64
C ILE A 313 3.28 -3.54 -11.18
N LEU A 314 2.75 -3.13 -10.04
CA LEU A 314 1.61 -3.81 -9.38
C LEU A 314 0.47 -2.83 -9.18
N PHE A 315 -0.76 -3.35 -9.17
CA PHE A 315 -1.89 -2.60 -8.62
C PHE A 315 -1.90 -2.64 -7.09
N ALA A 316 -2.08 -1.46 -6.48
CA ALA A 316 -2.53 -1.33 -5.11
C ALA A 316 -3.34 -0.06 -5.00
N SER A 317 -4.23 -0.02 -4.01
CA SER A 317 -4.99 1.20 -3.69
C SER A 317 -4.37 2.07 -2.61
N ASP A 318 -3.67 1.46 -1.66
CA ASP A 318 -3.32 2.14 -0.41
C ASP A 318 -4.54 2.71 0.32
N ALA A 319 -5.72 2.12 0.05
CA ALA A 319 -6.95 2.67 0.57
C ALA A 319 -7.19 2.25 2.02
N SER A 320 -7.83 3.15 2.79
CA SER A 320 -8.34 2.84 4.11
C SER A 320 -9.74 3.36 4.22
N THR A 321 -10.35 2.99 5.34
CA THR A 321 -11.50 3.66 5.93
C THR A 321 -12.84 3.35 5.26
N TYR A 322 -12.97 3.68 3.98
CA TYR A 322 -14.19 3.51 3.25
C TYR A 322 -13.99 2.94 1.87
N PRO A 323 -14.99 2.22 1.36
CA PRO A 323 -14.84 1.56 0.05
C PRO A 323 -14.67 2.51 -1.12
N GLU A 324 -15.14 3.74 -0.99
CA GLU A 324 -14.92 4.73 -2.06
C GLU A 324 -13.44 4.91 -2.39
N TYR A 326 -11.04 2.69 -2.05
CA TYR A 326 -10.66 1.53 -2.82
C TYR A 326 -11.16 1.63 -4.28
N GLY A 327 -12.46 1.96 -4.42
CA GLY A 327 -13.07 2.06 -5.74
C GLY A 327 -12.40 3.09 -6.63
N LEU A 328 -12.10 4.27 -6.07
CA LEU A 328 -11.50 5.33 -6.89
C LEU A 328 -10.12 4.92 -7.42
N ALA A 329 -9.34 4.24 -6.58
CA ALA A 329 -8.04 3.73 -6.99
C ALA A 329 -8.21 2.79 -8.14
N ALA A 330 -9.13 1.85 -7.98
CA ALA A 330 -9.40 0.86 -9.05
C ALA A 330 -9.85 1.52 -10.36
N ARG A 331 -10.75 2.46 -10.26
CA ARG A 331 -11.27 3.11 -11.46
CA ARG A 331 -11.31 3.19 -11.42
C ARG A 331 -10.18 3.88 -12.17
N GLN A 332 -9.39 4.65 -11.42
CA GLN A 332 -8.37 5.47 -12.08
C GLN A 332 -7.25 4.61 -12.64
N PHE A 333 -6.86 3.57 -11.94
CA PHE A 333 -5.83 2.66 -12.41
C PHE A 333 -6.29 1.89 -13.67
N LYS A 334 -7.51 1.35 -13.64
CA LYS A 334 -8.02 0.62 -14.78
C LYS A 334 -8.13 1.55 -16.00
N GLN A 335 -8.57 2.80 -15.81
CA GLN A 335 -8.58 3.79 -16.90
CA GLN A 335 -8.59 3.77 -16.91
C GLN A 335 -7.19 4.03 -17.45
N ALA A 336 -6.19 4.12 -16.55
CA ALA A 336 -4.80 4.33 -16.99
C ALA A 336 -4.33 3.17 -17.86
N LEU A 337 -4.67 1.95 -17.47
CA LEU A 337 -4.26 0.79 -18.22
C LEU A 337 -4.84 0.81 -19.64
N VAL A 338 -6.14 1.11 -19.75
CA VAL A 338 -6.73 1.19 -21.11
C VAL A 338 -6.07 2.24 -21.97
N ALA A 339 -5.84 3.43 -21.41
CA ALA A 339 -5.28 4.55 -22.14
C ALA A 339 -3.85 4.22 -22.57
N HIS A 340 -3.11 3.50 -21.72
CA HIS A 340 -1.73 3.18 -22.02
C HIS A 340 -1.63 2.09 -23.09
N PHE A 341 -2.33 1.01 -22.87
CA PHE A 341 -2.17 -0.15 -23.71
C PHE A 341 -2.92 -0.07 -25.04
N ASN A 342 -3.98 0.71 -25.13
CA ASN A 342 -4.74 0.73 -26.41
C ASN A 342 -3.83 1.10 -27.56
N GLN A 343 -2.97 2.11 -27.41
CA GLN A 343 -2.17 2.57 -28.55
C GLN A 343 -0.68 2.19 -28.44
N LEU A 344 -0.35 1.34 -27.48
CA LEU A 344 1.05 0.97 -27.27
C LEU A 344 1.56 0.24 -28.52
N PRO A 345 2.72 0.66 -29.07
CA PRO A 345 3.30 0.03 -30.29
C PRO A 345 3.95 -1.33 -30.03
N PHE A 346 4.26 -2.03 -31.13
CA PHE A 346 5.17 -3.18 -31.19
C PHE A 346 4.55 -4.49 -30.77
N VAL A 347 3.60 -4.49 -29.85
CA VAL A 347 3.16 -5.72 -29.23
C VAL A 347 1.73 -6.01 -29.68
N ASP A 348 1.40 -7.29 -29.64
CA ASP A 348 0.09 -7.73 -30.08
C ASP A 348 -0.91 -7.65 -28.94
N LEU A 349 -2.18 -7.84 -29.28
CA LEU A 349 -3.22 -7.80 -28.29
C LEU A 349 -3.00 -8.80 -27.15
N ALA A 350 -2.59 -10.01 -27.47
CA ALA A 350 -2.36 -11.03 -26.46
C ALA A 350 -1.31 -10.56 -25.42
N GLN A 351 -0.26 -9.93 -25.92
CA GLN A 351 0.82 -9.43 -25.01
C GLN A 351 0.30 -8.32 -24.13
N LYS A 352 -0.52 -7.43 -24.70
CA LYS A 352 -1.16 -6.39 -23.90
C LYS A 352 -1.99 -7.00 -22.75
N LYS A 353 -2.82 -7.99 -23.05
CA LYS A 353 -3.63 -8.66 -22.06
C LYS A 353 -2.78 -9.39 -21.00
N ALA A 354 -1.69 -10.01 -21.44
CA ALA A 354 -0.74 -10.70 -20.52
C ALA A 354 -0.14 -9.71 -19.52
N TRP A 355 0.24 -8.53 -20.01
CA TRP A 355 0.82 -7.51 -19.14
C TRP A 355 -0.22 -6.91 -18.20
N ILE A 356 -1.42 -6.65 -18.71
CA ILE A 356 -2.51 -6.16 -17.85
C ILE A 356 -2.82 -7.16 -16.71
N ASN A 357 -2.91 -8.46 -17.04
CA ASN A 357 -3.12 -9.46 -16.06
C ASN A 357 -1.98 -9.48 -14.98
N ALA A 358 -0.74 -9.38 -15.43
CA ALA A 358 0.43 -9.35 -14.56
C ALA A 358 0.26 -8.23 -13.53
N ILE A 359 -0.02 -7.04 -14.04
CA ILE A 359 -0.06 -5.85 -13.21
C ILE A 359 -1.21 -5.88 -12.18
N CYS A 360 -2.41 -6.31 -12.65
CA CYS A 360 -3.59 -6.24 -11.83
C CYS A 360 -3.65 -7.30 -10.71
N TRP A 361 -3.15 -8.50 -10.99
CA TRP A 361 -3.27 -9.58 -10.03
C TRP A 361 -2.17 -10.65 -10.08
N GLN A 362 -1.67 -10.96 -11.28
CA GLN A 362 -0.88 -12.16 -11.41
C GLN A 362 0.53 -12.05 -10.82
N THR A 363 1.17 -10.92 -11.01
CA THR A 363 2.50 -10.75 -10.38
C THR A 363 2.37 -10.80 -8.85
N SER A 364 1.40 -10.06 -8.27
CA SER A 364 1.22 -10.10 -6.83
C SER A 364 0.82 -11.49 -6.35
N ALA A 365 0.03 -12.21 -7.11
CA ALA A 365 -0.33 -13.58 -6.70
C ALA A 365 0.88 -14.44 -6.54
N LYS A 366 1.83 -14.30 -7.47
CA LYS A 366 3.06 -15.06 -7.40
CA LYS A 366 3.05 -15.08 -7.39
C LYS A 366 3.94 -14.58 -6.24
N LEU A 367 4.12 -13.26 -6.15
CA LEU A 367 5.01 -12.67 -5.18
C LEU A 367 4.60 -12.98 -3.73
N TYR A 368 3.30 -12.96 -3.46
CA TYR A 368 2.78 -13.14 -2.14
C TYR A 368 2.23 -14.55 -1.90
N HIS A 369 2.39 -15.41 -2.90
CA HIS A 369 1.98 -16.81 -2.77
C HIS A 369 0.46 -16.96 -2.56
N GLN A 370 -0.30 -16.16 -3.33
CA GLN A 370 -1.75 -16.12 -3.20
C GLN A 370 -2.44 -16.66 -4.46
N GLU A 371 -1.77 -17.56 -5.16
CA GLU A 371 -2.33 -18.12 -6.41
C GLU A 371 -3.70 -18.71 -6.23
N ARG A 372 -3.88 -19.43 -5.14
CA ARG A 372 -5.17 -20.08 -4.89
C ARG A 372 -6.39 -19.12 -4.84
N GLU A 373 -6.18 -17.96 -4.24
CA GLU A 373 -7.23 -16.97 -4.09
C GLU A 373 -7.61 -16.32 -5.39
N LEU A 374 -6.69 -16.30 -6.35
CA LEU A 374 -6.91 -15.65 -7.63
C LEU A 374 -7.44 -16.61 -8.72
N ARG A 375 -7.67 -17.86 -8.35
CA ARG A 375 -8.28 -18.81 -9.28
C ARG A 375 -9.70 -18.38 -9.65
N VAL A 376 -10.02 -18.52 -10.93
CA VAL A 376 -11.34 -18.18 -11.45
C VAL A 376 -12.36 -19.26 -11.09
#